data_3D0F
#
_entry.id   3D0F
#
_cell.length_a   38.206
_cell.length_b   52.219
_cell.length_c   56.860
_cell.angle_alpha   90.000
_cell.angle_beta   107.870
_cell.angle_gamma   90.000
#
_symmetry.space_group_name_H-M   'P 1 21 1'
#
loop_
_entity.id
_entity.type
_entity.pdbx_description
1 polymer 'Penicillin-binding 1 transmembrane protein MrcA'
2 non-polymer 'PHOSPHATE ION'
3 non-polymer GLYCEROL
4 water water
#
_entity_poly.entity_id   1
_entity_poly.type   'polypeptide(L)'
_entity_poly.pdbx_seq_one_letter_code
;SNAYRGPEAFLKLPKDLKDREALQDI(MSE)QDIGNSDDILAAVVLSATPGAVEAFRKNGETIRITGDGLKAAHRFLSND
PKIGEKRIRPGALIRVKKTEKGSWQIVQLP
;
_entity_poly.pdbx_strand_id   A,B
#
# COMPACT_ATOMS: atom_id res chain seq x y z
N ASN A 2 -12.62 -17.92 3.08
CA ASN A 2 -13.20 -17.38 1.82
C ASN A 2 -14.31 -16.39 2.15
N ALA A 3 -15.31 -16.86 2.89
CA ALA A 3 -16.44 -16.05 3.27
C ALA A 3 -15.96 -14.83 4.06
N TYR A 4 -16.63 -13.71 3.85
CA TYR A 4 -16.28 -12.49 4.59
C TYR A 4 -16.59 -12.72 6.05
N ARG A 5 -15.67 -12.33 6.93
CA ARG A 5 -15.76 -12.53 8.38
C ARG A 5 -16.12 -11.31 9.18
N GLY A 6 -16.16 -10.16 8.53
CA GLY A 6 -16.53 -8.94 9.20
C GLY A 6 -15.30 -8.14 9.55
N PRO A 7 -15.49 -6.87 9.91
CA PRO A 7 -14.36 -6.00 10.24
C PRO A 7 -13.56 -6.44 11.44
N GLU A 8 -12.26 -6.21 11.37
CA GLU A 8 -11.34 -6.58 12.43
C GLU A 8 -11.46 -5.76 13.73
N ALA A 9 -11.95 -4.53 13.58
CA ALA A 9 -11.95 -3.56 14.65
C ALA A 9 -12.93 -2.47 14.29
N PHE A 10 -13.28 -1.70 15.30
CA PHE A 10 -14.17 -0.53 15.13
C PHE A 10 -13.56 0.66 15.84
N LEU A 11 -13.40 1.76 15.14
CA LEU A 11 -12.87 3.00 15.72
C LEU A 11 -14.01 3.98 16.00
N LYS A 12 -13.77 4.87 16.95
CA LYS A 12 -14.77 5.85 17.35
C LYS A 12 -14.59 7.10 16.49
N LEU A 13 -15.56 7.42 15.64
CA LEU A 13 -15.39 8.50 14.70
C LEU A 13 -15.63 9.86 15.37
N PRO A 14 -15.03 10.89 14.79
CA PRO A 14 -15.45 12.28 15.14
C PRO A 14 -16.81 12.59 14.50
N LYS A 15 -17.50 13.67 14.97
CA LYS A 15 -18.71 14.20 14.28
C LYS A 15 -18.45 14.61 12.85
N ASP A 16 -17.35 15.36 12.65
CA ASP A 16 -16.98 15.88 11.34
C ASP A 16 -16.19 14.85 10.51
N LEU A 17 -16.88 14.28 9.53
CA LEU A 17 -16.30 13.28 8.65
C LEU A 17 -15.38 13.80 7.56
N LYS A 18 -15.21 15.12 7.48
CA LYS A 18 -14.17 15.71 6.62
C LYS A 18 -12.96 16.20 7.41
N ASP A 19 -12.97 16.02 8.74
CA ASP A 19 -11.81 16.40 9.59
C ASP A 19 -10.74 15.33 9.44
N ARG A 20 -9.85 15.53 8.48
CA ARG A 20 -8.83 14.55 8.18
C ARG A 20 -7.86 14.30 9.31
N GLU A 21 -7.51 15.37 10.04
CA GLU A 21 -6.62 15.22 11.21
C GLU A 21 -7.20 14.28 12.27
N ALA A 22 -8.45 14.49 12.62
CA ALA A 22 -9.14 13.65 13.58
C ALA A 22 -9.22 12.19 13.10
N LEU A 23 -9.55 12.01 11.82
CA LEU A 23 -9.65 10.69 11.24
C LEU A 23 -8.30 10.00 11.23
N GLN A 24 -7.22 10.72 10.85
CA GLN A 24 -5.87 10.13 10.91
CA GLN A 24 -5.91 10.08 10.87
C GLN A 24 -5.52 9.75 12.33
N ASP A 25 -5.92 10.58 13.28
CA ASP A 25 -5.60 10.31 14.69
C ASP A 25 -6.23 9.01 15.19
N ILE A 26 -7.49 8.76 14.80
CA ILE A 26 -8.14 7.49 15.31
C ILE A 26 -7.51 6.26 14.63
N GLN A 28 -4.26 6.00 13.99
CA GLN A 28 -2.82 6.10 14.20
C GLN A 28 -2.08 4.76 14.31
N ASP A 29 -2.71 3.77 14.94
CA ASP A 29 -2.03 2.49 15.21
C ASP A 29 -2.11 1.48 14.06
N ILE A 30 -2.97 1.74 13.09
CA ILE A 30 -3.38 0.78 12.06
CA ILE A 30 -3.27 0.73 12.08
C ILE A 30 -2.88 1.23 10.69
N GLY A 31 -2.60 0.28 9.81
CA GLY A 31 -2.34 0.64 8.43
C GLY A 31 -1.02 1.35 8.20
N ASN A 32 -0.08 1.21 9.11
CA ASN A 32 1.11 2.06 9.05
C ASN A 32 2.09 1.67 7.95
N SER A 33 1.92 0.50 7.36
CA SER A 33 2.72 0.14 6.17
C SER A 33 1.93 0.38 4.89
N ASP A 34 0.70 0.92 5.00
CA ASP A 34 -0.11 1.11 3.78
C ASP A 34 0.59 2.08 2.81
N ASP A 35 0.53 1.71 1.53
CA ASP A 35 1.08 2.49 0.42
C ASP A 35 2.60 2.46 0.34
N ILE A 36 3.22 1.74 1.24
CA ILE A 36 4.68 1.51 1.24
C ILE A 36 4.89 0.16 0.62
N LEU A 37 5.32 0.17 -0.63
CA LEU A 37 5.29 -1.00 -1.50
C LEU A 37 6.66 -1.60 -1.74
N ALA A 38 6.69 -2.90 -1.94
CA ALA A 38 7.94 -3.60 -2.27
C ALA A 38 8.32 -3.35 -3.71
N ALA A 39 9.62 -3.25 -3.96
CA ALA A 39 10.09 -3.18 -5.33
C ALA A 39 11.50 -3.78 -5.38
N VAL A 40 11.85 -4.31 -6.53
CA VAL A 40 13.20 -4.83 -6.73
CA VAL A 40 13.18 -4.82 -6.71
C VAL A 40 13.93 -3.95 -7.71
N VAL A 41 15.12 -3.52 -7.35
CA VAL A 41 15.92 -2.64 -8.18
C VAL A 41 16.45 -3.36 -9.43
N LEU A 42 16.24 -2.72 -10.59
CA LEU A 42 16.78 -3.19 -11.86
C LEU A 42 18.05 -2.46 -12.28
N SER A 43 18.13 -1.15 -12.03
CA SER A 43 19.29 -0.38 -12.29
C SER A 43 19.38 0.74 -11.28
N ALA A 44 20.61 1.22 -11.03
CA ALA A 44 20.81 2.29 -10.05
C ALA A 44 22.02 3.12 -10.35
N THR A 45 21.80 4.41 -10.36
CA THR A 45 22.85 5.45 -10.41
C THR A 45 22.48 6.54 -9.40
N PRO A 46 23.40 7.50 -9.13
CA PRO A 46 22.99 8.58 -8.23
C PRO A 46 21.83 9.44 -8.75
N GLY A 47 21.59 9.39 -10.05
CA GLY A 47 20.53 10.20 -10.69
C GLY A 47 19.22 9.46 -10.94
N ALA A 48 19.21 8.12 -10.92
CA ALA A 48 17.98 7.41 -11.22
C ALA A 48 18.07 5.96 -10.75
N VAL A 49 16.99 5.48 -10.17
CA VAL A 49 16.82 4.08 -9.84
C VAL A 49 15.58 3.59 -10.58
N GLU A 50 15.72 2.49 -11.32
CA GLU A 50 14.56 1.81 -11.93
C GLU A 50 14.26 0.60 -11.06
N ALA A 51 13.00 0.40 -10.71
CA ALA A 51 12.59 -0.71 -9.85
C ALA A 51 11.28 -1.32 -10.33
N PHE A 52 11.12 -2.63 -10.15
CA PHE A 52 9.93 -3.37 -10.54
C PHE A 52 9.06 -3.60 -9.31
N ARG A 53 7.80 -3.24 -9.36
CA ARG A 53 6.90 -3.45 -8.20
C ARG A 53 5.92 -4.61 -8.46
N LYS A 54 5.23 -5.06 -7.43
CA LYS A 54 4.37 -6.24 -7.52
C LYS A 54 3.28 -6.13 -8.55
N ASN A 55 2.78 -4.94 -8.81
CA ASN A 55 1.70 -4.80 -9.81
C ASN A 55 2.21 -4.94 -11.25
N GLY A 56 3.51 -5.17 -11.41
CA GLY A 56 4.14 -5.41 -12.68
C GLY A 56 4.71 -4.17 -13.37
N GLU A 57 4.55 -3.00 -12.76
CA GLU A 57 5.06 -1.81 -13.39
CA GLU A 57 5.04 -1.72 -13.29
C GLU A 57 6.52 -1.56 -12.97
N THR A 58 7.25 -0.97 -13.90
CA THR A 58 8.63 -0.55 -13.63
C THR A 58 8.54 0.96 -13.42
N ILE A 59 9.04 1.38 -12.28
CA ILE A 59 9.04 2.80 -11.90
C ILE A 59 10.47 3.33 -11.96
N ARG A 60 10.56 4.65 -12.13
CA ARG A 60 11.84 5.36 -12.15
C ARG A 60 11.82 6.42 -11.04
N ILE A 61 12.78 6.34 -10.13
CA ILE A 61 12.89 7.25 -8.95
C ILE A 61 14.07 8.16 -9.22
N THR A 62 13.84 9.47 -9.07
CA THR A 62 14.83 10.50 -9.38
C THR A 62 14.66 11.66 -8.40
N GLY A 63 15.54 12.66 -8.50
CA GLY A 63 15.39 13.92 -7.74
C GLY A 63 15.07 13.72 -6.26
N ASP A 64 14.00 14.35 -5.82
CA ASP A 64 13.60 14.33 -4.40
C ASP A 64 13.40 12.90 -3.89
N GLY A 65 12.91 12.01 -4.76
CA GLY A 65 12.64 10.63 -4.39
C GLY A 65 13.86 9.84 -3.96
N LEU A 66 15.06 10.29 -4.35
CA LEU A 66 16.29 9.61 -4.01
C LEU A 66 17.01 10.23 -2.80
N LYS A 67 16.51 11.33 -2.28
CA LYS A 67 17.20 12.10 -1.24
CA LYS A 67 17.32 12.04 -1.31
C LYS A 67 17.49 11.28 0.01
N ALA A 68 16.44 10.61 0.50
CA ALA A 68 16.58 9.87 1.76
C ALA A 68 17.61 8.77 1.62
N ALA A 69 17.68 8.17 0.44
CA ALA A 69 18.56 7.04 0.15
C ALA A 69 20.00 7.41 -0.31
N HIS A 70 20.32 8.70 -0.24
CA HIS A 70 21.56 9.25 -0.84
C HIS A 70 22.84 8.44 -0.60
N ARG A 71 23.01 7.98 0.62
CA ARG A 71 24.27 7.35 1.03
C ARG A 71 24.40 5.99 0.40
N PHE A 72 23.25 5.39 0.10
CA PHE A 72 23.23 4.11 -0.59
C PHE A 72 23.29 4.17 -2.10
N LEU A 73 23.48 5.38 -2.66
CA LEU A 73 23.64 5.57 -4.10
C LEU A 73 24.95 6.31 -4.43
N SER A 74 25.68 6.72 -3.41
CA SER A 74 26.84 7.62 -3.55
C SER A 74 28.18 6.93 -3.73
N ASN A 75 28.21 5.60 -3.59
CA ASN A 75 29.49 4.84 -3.59
CA ASN A 75 29.46 4.86 -3.62
C ASN A 75 30.38 5.22 -2.41
N ASP A 76 29.77 5.57 -1.27
CA ASP A 76 30.50 5.83 -0.01
C ASP A 76 31.20 4.50 0.36
N PRO A 77 32.52 4.51 0.54
CA PRO A 77 33.20 3.23 0.79
C PRO A 77 32.76 2.49 2.06
N LYS A 78 32.29 3.21 3.06
CA LYS A 78 31.82 2.58 4.29
C LYS A 78 30.57 1.76 4.06
N ILE A 79 29.73 2.18 3.13
CA ILE A 79 28.52 1.41 2.83
C ILE A 79 28.89 0.20 1.96
N GLY A 80 29.81 0.37 1.02
CA GLY A 80 30.26 -0.76 0.18
C GLY A 80 29.12 -1.44 -0.55
N GLU A 81 29.10 -2.79 -0.61
CA GLU A 81 28.03 -3.50 -1.33
C GLU A 81 26.69 -3.58 -0.58
N LYS A 82 26.56 -2.89 0.56
CA LYS A 82 25.24 -2.64 1.11
C LYS A 82 24.46 -1.64 0.26
N ARG A 83 25.13 -1.00 -0.70
CA ARG A 83 24.51 0.00 -1.55
C ARG A 83 23.36 -0.58 -2.38
N ILE A 84 22.50 0.30 -2.82
CA ILE A 84 21.44 -0.04 -3.77
C ILE A 84 22.09 -0.41 -5.12
N ARG A 85 21.68 -1.55 -5.67
CA ARG A 85 22.30 -2.17 -6.86
CA ARG A 85 22.23 -2.05 -6.93
C ARG A 85 21.26 -3.11 -7.45
N PRO A 86 21.45 -3.56 -8.70
CA PRO A 86 20.42 -4.49 -9.20
C PRO A 86 20.17 -5.71 -8.31
N GLY A 87 18.90 -5.95 -8.03
CA GLY A 87 18.45 -7.00 -7.14
C GLY A 87 18.09 -6.53 -5.75
N ALA A 88 18.47 -5.30 -5.41
CA ALA A 88 18.16 -4.78 -4.09
C ALA A 88 16.65 -4.75 -3.91
N LEU A 89 16.20 -5.28 -2.78
CA LEU A 89 14.81 -5.18 -2.34
C LEU A 89 14.66 -3.88 -1.55
N ILE A 90 13.82 -2.99 -2.09
CA ILE A 90 13.54 -1.68 -1.48
C ILE A 90 12.08 -1.52 -1.25
N ARG A 91 11.75 -0.43 -0.58
CA ARG A 91 10.35 -0.04 -0.41
C ARG A 91 10.19 1.33 -1.03
N VAL A 92 9.05 1.52 -1.64
CA VAL A 92 8.73 2.77 -2.34
C VAL A 92 7.35 3.28 -2.02
N LYS A 93 7.17 4.59 -2.15
CA LYS A 93 5.87 5.20 -1.94
C LYS A 93 5.69 6.32 -2.98
N LYS A 94 4.46 6.49 -3.44
CA LYS A 94 4.13 7.51 -4.43
C LYS A 94 3.69 8.77 -3.67
N THR A 95 4.32 9.90 -3.96
CA THR A 95 3.94 11.12 -3.30
C THR A 95 2.63 11.69 -3.89
N GLU A 96 2.03 12.68 -3.21
N GLU A 96 2.05 12.67 -3.20
CA GLU A 96 0.80 13.27 -3.72
CA GLU A 96 0.83 13.30 -3.68
C GLU A 96 1.01 14.04 -5.03
C GLU A 96 1.06 13.87 -5.07
N LYS A 97 2.26 14.42 -5.31
CA LYS A 97 2.55 15.05 -6.57
C LYS A 97 2.79 14.02 -7.69
N GLY A 98 2.90 12.75 -7.34
CA GLY A 98 2.90 11.68 -8.36
C GLY A 98 4.21 10.98 -8.60
N SER A 99 5.29 11.43 -7.97
CA SER A 99 6.59 10.82 -8.17
C SER A 99 6.81 9.79 -7.07
N TRP A 100 7.55 8.72 -7.38
CA TRP A 100 7.89 7.71 -6.43
C TRP A 100 9.10 8.11 -5.62
N GLN A 101 9.15 7.66 -4.36
CA GLN A 101 10.27 7.87 -3.49
CA GLN A 101 10.29 7.86 -3.50
C GLN A 101 10.68 6.57 -2.82
N ILE A 102 11.98 6.41 -2.56
CA ILE A 102 12.53 5.29 -1.80
C ILE A 102 12.40 5.62 -0.32
N VAL A 103 11.66 4.75 0.36
CA VAL A 103 11.38 4.88 1.78
C VAL A 103 11.73 3.57 2.52
N GLN A 104 11.28 3.45 3.76
CA GLN A 104 11.48 2.17 4.47
C GLN A 104 10.31 1.90 5.39
N LEU A 105 10.10 0.63 5.72
CA LEU A 105 8.95 0.26 6.55
C LEU A 105 9.17 0.85 7.94
N PRO A 106 8.07 1.26 8.61
CA PRO A 106 8.25 1.88 9.94
C PRO A 106 8.80 0.85 10.93
N ASN B 2 15.24 7.09 12.26
CA ASN B 2 14.50 7.17 10.95
C ASN B 2 15.41 7.51 9.76
N ALA B 3 16.71 7.62 10.01
CA ALA B 3 17.69 7.64 8.95
C ALA B 3 17.49 6.38 8.11
N TYR B 4 17.68 6.52 6.81
CA TYR B 4 17.50 5.39 5.90
C TYR B 4 18.54 4.30 6.18
N ARG B 5 18.09 3.05 6.28
CA ARG B 5 18.94 1.94 6.65
C ARG B 5 19.39 1.07 5.47
N GLY B 6 18.96 1.40 4.27
CA GLY B 6 19.41 0.67 3.09
C GLY B 6 18.48 -0.44 2.71
N PRO B 7 18.79 -1.15 1.61
CA PRO B 7 18.00 -2.28 1.13
C PRO B 7 18.00 -3.40 2.15
N GLU B 8 16.86 -4.06 2.31
CA GLU B 8 16.77 -5.14 3.30
C GLU B 8 17.33 -6.49 2.85
N ALA B 9 17.53 -6.65 1.55
CA ALA B 9 17.97 -7.89 1.00
C ALA B 9 18.36 -7.66 -0.46
N PHE B 10 19.10 -8.61 -1.01
CA PHE B 10 19.43 -8.62 -2.41
C PHE B 10 18.93 -9.93 -3.00
N LEU B 11 18.23 -9.81 -4.11
CA LEU B 11 17.63 -10.95 -4.78
C LEU B 11 18.34 -11.28 -6.09
N LYS B 12 18.20 -12.53 -6.52
CA LYS B 12 18.71 -12.98 -7.83
C LYS B 12 17.71 -12.53 -8.87
N LEU B 13 18.20 -11.84 -9.90
CA LEU B 13 17.41 -11.37 -11.00
C LEU B 13 17.49 -12.30 -12.19
N PRO B 14 16.44 -12.31 -13.03
CA PRO B 14 16.56 -12.99 -14.29
C PRO B 14 17.54 -12.28 -15.20
N LYS B 15 18.11 -13.05 -16.13
CA LYS B 15 18.99 -12.49 -17.11
C LYS B 15 18.31 -11.42 -17.96
N ASP B 16 17.02 -11.62 -18.23
CA ASP B 16 16.23 -10.66 -19.00
C ASP B 16 15.42 -9.75 -18.08
N LEU B 17 15.84 -8.49 -17.94
CA LEU B 17 15.24 -7.61 -16.95
C LEU B 17 13.92 -6.96 -17.44
N LYS B 18 13.53 -7.31 -18.67
CA LYS B 18 12.18 -6.98 -19.20
C LYS B 18 11.20 -8.17 -19.22
N ASP B 19 11.56 -9.27 -18.55
CA ASP B 19 10.64 -10.42 -18.40
C ASP B 19 9.84 -10.24 -17.15
N ARG B 20 8.65 -9.65 -17.32
CA ARG B 20 7.80 -9.31 -16.20
CA ARG B 20 7.81 -9.31 -16.21
C ARG B 20 7.37 -10.54 -15.41
N GLU B 21 7.11 -11.67 -16.10
CA GLU B 21 6.73 -12.88 -15.36
C GLU B 21 7.88 -13.40 -14.47
N ALA B 22 9.10 -13.38 -14.99
CA ALA B 22 10.28 -13.83 -14.23
C ALA B 22 10.47 -12.90 -13.03
N LEU B 23 10.30 -11.60 -13.27
CA LEU B 23 10.40 -10.62 -12.15
C LEU B 23 9.32 -10.79 -11.13
N GLN B 24 8.08 -11.04 -11.57
CA GLN B 24 7.04 -11.41 -10.63
C GLN B 24 7.39 -12.64 -9.80
N ASP B 25 7.96 -13.64 -10.46
CA ASP B 25 8.31 -14.88 -9.79
C ASP B 25 9.34 -14.72 -8.68
N ILE B 26 10.34 -13.86 -8.85
CA ILE B 26 11.28 -13.62 -7.77
C ILE B 26 10.66 -12.89 -6.56
N GLN B 28 7.64 -13.61 -5.48
CA GLN B 28 6.40 -14.33 -5.17
C GLN B 28 6.05 -14.38 -3.68
N ASP B 29 7.04 -14.28 -2.80
CA ASP B 29 6.79 -14.34 -1.35
C ASP B 29 6.94 -12.99 -0.66
N ILE B 30 7.00 -11.93 -1.47
CA ILE B 30 7.22 -10.57 -1.01
C ILE B 30 6.07 -9.66 -1.43
N GLY B 31 5.62 -8.78 -0.54
CA GLY B 31 4.63 -7.74 -0.90
C GLY B 31 3.25 -8.25 -1.28
N ASN B 32 2.87 -9.40 -0.71
CA ASN B 32 1.66 -10.05 -1.22
C ASN B 32 0.34 -9.37 -0.92
N SER B 33 0.31 -8.49 0.05
N SER B 33 0.33 -8.50 0.09
CA SER B 33 -0.90 -7.68 0.25
CA SER B 33 -0.83 -7.66 0.41
C SER B 33 -0.56 -6.19 0.18
C SER B 33 -0.58 -6.17 0.14
N ASP B 34 0.43 -5.87 -0.65
CA ASP B 34 0.68 -4.46 -1.03
C ASP B 34 -0.55 -3.79 -1.62
N ASP B 35 -1.43 -4.56 -2.27
CA ASP B 35 -2.59 -3.92 -2.90
C ASP B 35 -3.84 -3.86 -2.02
N ILE B 36 -3.70 -4.25 -0.75
CA ILE B 36 -4.86 -4.24 0.19
C ILE B 36 -4.57 -3.18 1.26
N LEU B 37 -5.52 -2.24 1.46
CA LEU B 37 -5.32 -1.06 2.26
C LEU B 37 -6.33 -1.02 3.43
N ALA B 38 -5.94 -0.41 4.54
CA ALA B 38 -6.91 -0.12 5.62
C ALA B 38 -7.81 1.03 5.23
N ALA B 39 -9.06 0.99 5.68
CA ALA B 39 -9.91 2.20 5.60
C ALA B 39 -10.94 2.19 6.69
N VAL B 40 -11.26 3.35 7.24
CA VAL B 40 -12.27 3.44 8.26
C VAL B 40 -13.59 3.89 7.58
N VAL B 41 -14.65 3.16 7.88
CA VAL B 41 -15.97 3.41 7.30
C VAL B 41 -16.53 4.73 7.90
N LEU B 42 -16.92 5.65 7.01
CA LEU B 42 -17.60 6.89 7.40
C LEU B 42 -19.11 6.78 7.34
N SER B 43 -19.62 6.10 6.32
CA SER B 43 -21.04 5.81 6.22
C SER B 43 -21.24 4.49 5.52
N ALA B 44 -22.35 3.83 5.80
CA ALA B 44 -22.65 2.52 5.22
C ALA B 44 -24.15 2.34 5.13
N THR B 45 -24.56 1.89 3.96
CA THR B 45 -25.88 1.39 3.65
C THR B 45 -25.67 0.14 2.82
N PRO B 46 -26.73 -0.65 2.61
CA PRO B 46 -26.54 -1.75 1.67
C PRO B 46 -26.03 -1.41 0.27
N GLY B 47 -26.29 -0.21 -0.24
CA GLY B 47 -25.87 0.16 -1.59
C GLY B 47 -24.59 0.95 -1.72
N ALA B 48 -24.06 1.45 -0.59
CA ALA B 48 -22.90 2.33 -0.68
C ALA B 48 -22.14 2.43 0.62
N VAL B 49 -20.83 2.27 0.53
CA VAL B 49 -19.95 2.47 1.69
C VAL B 49 -18.97 3.58 1.37
N GLU B 50 -18.85 4.61 2.25
CA GLU B 50 -17.81 5.60 2.06
CA GLU B 50 -17.85 5.65 2.11
C GLU B 50 -16.79 5.34 3.16
N ALA B 51 -15.53 5.38 2.78
CA ALA B 51 -14.49 5.06 3.73
C ALA B 51 -13.28 5.95 3.53
N PHE B 52 -12.45 6.01 4.55
CA PHE B 52 -11.31 6.97 4.57
C PHE B 52 -10.00 6.20 4.73
N ARG B 53 -9.08 6.41 3.79
CA ARG B 53 -7.78 5.73 3.75
C ARG B 53 -6.71 6.48 4.57
N LYS B 54 -5.63 5.77 4.89
CA LYS B 54 -4.52 6.32 5.62
C LYS B 54 -3.90 7.46 4.84
N ASN B 55 -3.96 7.41 3.51
CA ASN B 55 -3.40 8.53 2.69
C ASN B 55 -4.28 9.82 2.67
N GLY B 56 -5.42 9.80 3.37
CA GLY B 56 -6.31 10.93 3.55
C GLY B 56 -7.37 11.05 2.48
N GLU B 57 -7.41 10.09 1.56
CA GLU B 57 -8.43 10.08 0.50
C GLU B 57 -9.69 9.35 0.96
N THR B 58 -10.84 9.89 0.57
CA THR B 58 -12.13 9.27 0.80
C THR B 58 -12.46 8.44 -0.46
N ILE B 59 -12.93 7.23 -0.23
CA ILE B 59 -13.27 6.31 -1.31
C ILE B 59 -14.75 5.90 -1.16
N ARG B 60 -15.36 5.52 -2.30
CA ARG B 60 -16.75 5.08 -2.34
C ARG B 60 -16.77 3.68 -2.95
N ILE B 61 -17.46 2.76 -2.28
CA ILE B 61 -17.54 1.38 -2.71
C ILE B 61 -19.01 1.08 -2.95
N THR B 62 -19.29 0.60 -4.15
CA THR B 62 -20.67 0.31 -4.55
C THR B 62 -20.68 -0.97 -5.41
N GLY B 63 -21.89 -1.46 -5.68
CA GLY B 63 -22.12 -2.53 -6.63
C GLY B 63 -21.29 -3.74 -6.32
N ASP B 64 -20.54 -4.21 -7.32
CA ASP B 64 -19.82 -5.48 -7.18
C ASP B 64 -18.81 -5.42 -6.05
N GLY B 65 -18.35 -4.21 -5.74
CA GLY B 65 -17.38 -4.02 -4.66
C GLY B 65 -17.90 -4.38 -3.27
N LEU B 66 -19.22 -4.45 -3.13
CA LEU B 66 -19.85 -4.74 -1.85
C LEU B 66 -20.30 -6.19 -1.74
N LYS B 67 -20.24 -6.94 -2.85
CA LYS B 67 -20.77 -8.29 -2.87
CA LYS B 67 -20.76 -8.30 -2.87
C LYS B 67 -20.16 -9.23 -1.81
N ALA B 68 -18.83 -9.27 -1.68
CA ALA B 68 -18.23 -10.19 -0.70
C ALA B 68 -18.76 -9.96 0.70
N ALA B 69 -18.96 -8.68 1.02
CA ALA B 69 -19.36 -8.21 2.35
C ALA B 69 -20.88 -7.99 2.59
N HIS B 70 -21.72 -8.31 1.60
CA HIS B 70 -23.11 -7.88 1.64
C HIS B 70 -23.86 -8.39 2.85
N ARG B 71 -23.50 -9.56 3.37
CA ARG B 71 -24.22 -10.10 4.54
C ARG B 71 -23.96 -9.34 5.84
N PHE B 72 -22.98 -8.44 5.79
CA PHE B 72 -22.65 -7.59 6.91
C PHE B 72 -23.10 -6.17 6.75
N LEU B 73 -23.77 -5.86 5.64
CA LEU B 73 -24.27 -4.52 5.34
C LEU B 73 -25.78 -4.40 5.38
N SER B 74 -26.47 -5.51 5.53
CA SER B 74 -27.94 -5.43 5.55
C SER B 74 -28.47 -4.73 6.80
N ASN B 75 -29.71 -4.23 6.70
CA ASN B 75 -30.39 -3.62 7.83
C ASN B 75 -30.97 -4.72 8.73
N ASP B 76 -30.06 -5.41 9.42
CA ASP B 76 -30.42 -6.56 10.26
C ASP B 76 -29.63 -6.50 11.55
N PRO B 77 -30.24 -6.02 12.66
CA PRO B 77 -29.50 -5.88 13.91
C PRO B 77 -28.96 -7.18 14.46
N LYS B 78 -29.48 -8.31 14.00
CA LYS B 78 -29.05 -9.60 14.56
C LYS B 78 -27.77 -10.11 13.91
N ILE B 79 -27.24 -9.37 12.93
CA ILE B 79 -25.91 -9.70 12.38
C ILE B 79 -24.90 -9.76 13.52
N GLY B 80 -25.06 -8.80 14.43
CA GLY B 80 -24.34 -8.76 15.69
C GLY B 80 -23.25 -7.69 15.66
N GLU B 81 -22.25 -7.88 16.49
CA GLU B 81 -21.18 -6.88 16.56
C GLU B 81 -20.31 -6.88 15.30
N LYS B 82 -20.54 -7.76 14.35
CA LYS B 82 -19.71 -7.84 13.14
C LYS B 82 -20.28 -6.95 12.03
N ARG B 83 -21.42 -6.34 12.27
CA ARG B 83 -22.03 -5.56 11.24
C ARG B 83 -21.15 -4.37 10.83
N ILE B 84 -21.00 -4.12 9.53
CA ILE B 84 -20.29 -2.94 9.05
C ILE B 84 -21.14 -1.73 9.38
N ARG B 85 -20.52 -0.74 10.01
CA ARG B 85 -21.21 0.46 10.47
C ARG B 85 -20.13 1.54 10.55
N PRO B 86 -20.50 2.81 10.72
CA PRO B 86 -19.54 3.88 10.90
C PRO B 86 -18.46 3.58 11.95
N GLY B 87 -17.20 3.72 11.54
CA GLY B 87 -16.02 3.45 12.38
C GLY B 87 -15.42 2.06 12.13
N ALA B 88 -16.17 1.21 11.43
CA ALA B 88 -15.61 -0.13 11.09
C ALA B 88 -14.27 0.05 10.36
N LEU B 89 -13.30 -0.75 10.78
CA LEU B 89 -12.02 -0.81 10.07
CA LEU B 89 -12.02 -0.82 10.09
C LEU B 89 -12.10 -1.97 9.09
N ILE B 90 -12.13 -1.61 7.80
CA ILE B 90 -12.22 -2.59 6.73
C ILE B 90 -10.90 -2.59 5.95
N ARG B 91 -10.79 -3.56 5.08
CA ARG B 91 -9.66 -3.69 4.14
C ARG B 91 -10.24 -3.61 2.73
N VAL B 92 -9.52 -2.86 1.90
CA VAL B 92 -10.05 -2.53 0.58
C VAL B 92 -8.97 -2.68 -0.48
N LYS B 93 -9.40 -2.92 -1.72
CA LYS B 93 -8.47 -3.08 -2.84
C LYS B 93 -9.15 -2.46 -4.07
N LYS B 94 -8.36 -1.79 -4.91
CA LYS B 94 -8.90 -1.21 -6.15
C LYS B 94 -8.71 -2.29 -7.21
N THR B 95 -9.76 -2.60 -7.97
CA THR B 95 -9.68 -3.67 -8.98
C THR B 95 -8.89 -3.16 -10.21
N GLU B 96 -8.52 -4.11 -11.04
CA GLU B 96 -7.92 -3.82 -12.37
C GLU B 96 -8.73 -2.77 -13.17
N LYS B 97 -10.06 -2.81 -13.02
CA LYS B 97 -10.97 -1.84 -13.67
C LYS B 97 -11.06 -0.50 -12.97
N GLY B 98 -10.39 -0.34 -11.82
CA GLY B 98 -10.38 0.93 -11.11
C GLY B 98 -11.41 1.09 -10.00
N SER B 99 -12.17 0.04 -9.70
CA SER B 99 -13.24 0.16 -8.71
C SER B 99 -12.75 -0.46 -7.38
N TRP B 100 -13.10 0.20 -6.31
CA TRP B 100 -12.79 -0.32 -4.96
C TRP B 100 -13.72 -1.47 -4.58
N GLN B 101 -13.14 -2.42 -3.83
CA GLN B 101 -13.87 -3.55 -3.30
CA GLN B 101 -13.89 -3.55 -3.31
C GLN B 101 -13.44 -3.80 -1.86
N ILE B 102 -14.36 -4.26 -1.05
CA ILE B 102 -14.09 -4.68 0.33
C ILE B 102 -13.63 -6.12 0.31
N VAL B 103 -12.43 -6.31 0.83
CA VAL B 103 -11.75 -7.58 0.78
C VAL B 103 -11.28 -7.96 2.16
N GLN B 104 -10.50 -9.03 2.25
CA GLN B 104 -9.88 -9.43 3.54
C GLN B 104 -8.41 -9.76 3.32
N LEU B 105 -7.59 -9.50 4.33
CA LEU B 105 -6.17 -9.84 4.25
C LEU B 105 -6.05 -11.34 4.43
N PRO B 106 -5.03 -11.94 3.79
CA PRO B 106 -4.81 -13.36 3.94
C PRO B 106 -4.24 -13.62 5.33
#